data_1NS3
#
_entry.id   1NS3
#
_cell.length_a   96.960
_cell.length_b   96.960
_cell.length_c   167.100
_cell.angle_alpha   90.00
_cell.angle_beta   90.00
_cell.angle_gamma   120.00
#
_symmetry.space_group_name_H-M   'P 63 2 2'
#
loop_
_entity.id
_entity.type
_entity.pdbx_description
1 polymer 'NS3 PROTEASE'
2 polymer 'NS4A PEPTIDE'
3 non-polymer 'ZINC ION'
4 water water
#
loop_
_entity_poly.entity_id
_entity_poly.type
_entity_poly.pdbx_seq_one_letter_code
_entity_poly.pdbx_strand_id
1 'polypeptide(L)'
;MAITAYSQQTRGLLGCIITSLTGRDKNQVEGEVQVVSTATQSFLATCVNGVCWTVYHGAGSKTLAGPKGPITQMYTNVDQ
DLVGWQAPPGARSLTPCTCGSSDLYLVTRHADVIPVRRRGDSRGSLLSPRPVSYLKGSSGGPLLCPSGHAVGIFRAAVCT
RGVAKAVDFVPVESMETTMRMRKKKK
;
A,B
2 'polypeptide(L)' KGSVVIVGRIILSK C,D
#
loop_
_chem_comp.id
_chem_comp.type
_chem_comp.name
_chem_comp.formula
ZN non-polymer 'ZINC ION' 'Zn 2'
#
# COMPACT_ATOMS: atom_id res chain seq x y z
N ILE A 3 8.01 19.94 5.72
CA ILE A 3 8.97 18.87 6.14
C ILE A 3 9.14 17.95 4.94
N THR A 4 10.16 17.12 4.97
CA THR A 4 10.43 16.17 3.89
C THR A 4 10.94 14.90 4.53
N ALA A 5 10.78 13.76 3.86
CA ALA A 5 11.24 12.49 4.40
C ALA A 5 11.49 11.50 3.26
N TYR A 6 12.28 10.47 3.51
CA TYR A 6 12.55 9.48 2.47
C TYR A 6 12.56 8.07 3.01
N SER A 7 12.13 7.13 2.16
CA SER A 7 12.06 5.72 2.52
C SER A 7 13.42 5.04 2.41
N GLN A 8 13.57 3.91 3.09
CA GLN A 8 14.82 3.17 3.08
C GLN A 8 14.56 1.72 3.50
N GLN A 9 14.52 0.84 2.51
CA GLN A 9 14.26 -0.58 2.74
C GLN A 9 15.42 -1.16 3.52
N THR A 10 15.13 -1.99 4.51
CA THR A 10 16.19 -2.58 5.30
C THR A 10 16.16 -4.09 5.27
N ARG A 11 15.10 -4.69 4.72
CA ARG A 11 14.99 -6.13 4.63
C ARG A 11 14.16 -6.52 3.43
N GLY A 12 14.32 -7.78 3.01
CA GLY A 12 13.56 -8.32 1.90
C GLY A 12 12.67 -9.41 2.47
N LEU A 13 11.95 -10.17 1.65
CA LEU A 13 11.07 -11.19 2.20
C LEU A 13 11.75 -12.24 3.06
N LEU A 14 12.89 -12.74 2.65
CA LEU A 14 13.65 -13.78 3.37
C LEU A 14 14.13 -13.40 4.78
N GLY A 15 14.33 -12.12 5.02
CA GLY A 15 14.78 -11.66 6.31
C GLY A 15 13.59 -11.38 7.17
N CYS A 16 12.50 -10.87 6.59
CA CYS A 16 11.29 -10.60 7.39
C CYS A 16 10.96 -11.95 7.96
N ILE A 17 10.89 -12.94 7.07
CA ILE A 17 10.55 -14.31 7.43
C ILE A 17 11.37 -14.83 8.59
N ILE A 18 12.69 -14.92 8.38
CA ILE A 18 13.60 -15.40 9.38
C ILE A 18 13.49 -14.61 10.67
N THR A 19 13.42 -13.29 10.57
CA THR A 19 13.31 -12.46 11.76
C THR A 19 11.93 -12.57 12.41
N SER A 20 10.95 -13.11 11.69
CA SER A 20 9.62 -13.26 12.24
C SER A 20 9.54 -14.51 13.13
N LEU A 21 10.31 -15.53 12.77
CA LEU A 21 10.34 -16.79 13.51
C LEU A 21 11.37 -16.82 14.64
N THR A 22 12.47 -16.11 14.51
CA THR A 22 13.44 -16.14 15.59
C THR A 22 13.17 -15.02 16.57
N GLY A 23 12.34 -14.07 16.17
CA GLY A 23 12.01 -12.99 17.05
C GLY A 23 13.12 -12.01 17.31
N ARG A 24 14.35 -12.33 16.93
CA ARG A 24 15.44 -11.39 17.18
C ARG A 24 15.97 -10.58 15.99
N ASP A 25 15.79 -9.27 16.10
CA ASP A 25 16.17 -8.29 15.11
C ASP A 25 17.55 -7.78 15.44
N LYS A 26 18.54 -8.22 14.68
CA LYS A 26 19.92 -7.81 14.92
C LYS A 26 20.31 -6.59 14.09
N ASN A 27 19.39 -5.65 13.89
CA ASN A 27 19.70 -4.48 13.08
C ASN A 27 19.57 -3.15 13.82
N GLN A 28 20.40 -2.21 13.40
CA GLN A 28 20.41 -0.88 14.00
C GLN A 28 19.13 -0.17 13.60
N VAL A 29 18.41 0.37 14.57
CA VAL A 29 17.19 1.10 14.24
C VAL A 29 17.66 2.54 14.00
N GLU A 30 17.01 3.21 13.08
CA GLU A 30 17.31 4.61 12.74
C GLU A 30 16.02 5.25 12.25
N GLY A 31 16.02 6.56 12.14
CA GLY A 31 14.82 7.30 11.70
C GLY A 31 13.87 7.39 12.90
N GLU A 32 12.65 7.85 12.65
CA GLU A 32 11.66 7.99 13.75
C GLU A 32 10.42 7.14 13.47
N VAL A 33 10.05 7.04 12.21
CA VAL A 33 8.92 6.21 11.80
C VAL A 33 9.49 5.06 11.00
N GLN A 34 9.19 3.86 11.44
CA GLN A 34 9.65 2.64 10.77
C GLN A 34 8.48 2.04 9.98
N VAL A 35 8.79 1.21 8.98
CA VAL A 35 7.75 0.55 8.22
C VAL A 35 7.93 -0.89 8.63
N VAL A 36 6.87 -1.45 9.24
CA VAL A 36 6.90 -2.80 9.77
C VAL A 36 6.05 -3.78 8.99
N SER A 37 6.20 -5.07 9.27
CA SER A 37 5.43 -6.05 8.52
C SER A 37 5.12 -7.27 9.35
N THR A 38 4.10 -7.99 8.93
CA THR A 38 3.67 -9.25 9.52
C THR A 38 3.55 -10.16 8.29
N ALA A 39 2.99 -11.35 8.45
CA ALA A 39 2.86 -12.27 7.32
C ALA A 39 1.79 -11.88 6.34
N THR A 40 0.80 -11.13 6.80
CA THR A 40 -0.27 -10.72 5.92
C THR A 40 -0.46 -9.19 5.86
N GLN A 41 0.53 -8.41 6.29
CA GLN A 41 0.33 -6.98 6.25
C GLN A 41 1.56 -6.13 6.49
N SER A 42 1.53 -4.89 6.02
CA SER A 42 2.62 -3.95 6.23
C SER A 42 1.97 -2.60 6.42
N PHE A 43 2.46 -1.87 7.42
CA PHE A 43 1.93 -0.56 7.81
C PHE A 43 3.10 0.18 8.44
N LEU A 44 2.81 1.25 9.16
CA LEU A 44 3.89 2.01 9.78
C LEU A 44 3.79 2.01 11.30
N ALA A 45 4.84 2.47 11.94
CA ALA A 45 4.89 2.54 13.40
C ALA A 45 5.84 3.69 13.66
N THR A 46 5.51 4.54 14.63
CA THR A 46 6.35 5.71 14.93
C THR A 46 6.67 5.82 16.43
N CYS A 47 7.86 6.36 16.76
CA CYS A 47 8.30 6.47 18.15
C CYS A 47 8.09 7.83 18.76
N VAL A 48 7.10 7.92 19.66
CA VAL A 48 6.76 9.14 20.39
C VAL A 48 7.02 8.78 21.85
N ASN A 49 7.77 9.63 22.56
CA ASN A 49 8.10 9.46 23.98
C ASN A 49 8.80 8.15 24.34
N GLY A 50 9.72 7.71 23.49
CA GLY A 50 10.46 6.48 23.76
C GLY A 50 9.71 5.17 23.60
N VAL A 51 8.53 5.20 22.98
CA VAL A 51 7.73 3.98 22.76
C VAL A 51 7.19 3.89 21.33
N CYS A 52 7.44 2.75 20.67
CA CYS A 52 7.02 2.48 19.29
C CYS A 52 5.50 2.27 19.17
N TRP A 53 4.75 3.30 18.79
CA TRP A 53 3.30 3.16 18.65
C TRP A 53 2.97 2.70 17.23
N THR A 54 1.87 1.96 17.08
CA THR A 54 1.39 1.52 15.78
C THR A 54 -0.09 1.37 16.00
N VAL A 55 -0.81 0.81 15.03
CA VAL A 55 -2.25 0.63 15.16
C VAL A 55 -2.58 -0.79 15.50
N TYR A 56 -3.67 -0.97 16.23
CA TYR A 56 -4.08 -2.30 16.66
C TYR A 56 -4.51 -3.20 15.52
N HIS A 57 -5.18 -2.63 14.52
CA HIS A 57 -5.64 -3.45 13.38
C HIS A 57 -4.49 -3.95 12.50
N GLY A 58 -3.26 -3.56 12.81
CA GLY A 58 -2.13 -4.02 12.05
C GLY A 58 -1.37 -5.00 12.91
N ALA A 59 -0.74 -4.48 13.96
CA ALA A 59 0.06 -5.29 14.88
C ALA A 59 -0.74 -6.30 15.64
N GLY A 60 -1.91 -5.87 16.10
CA GLY A 60 -2.75 -6.74 16.90
C GLY A 60 -2.08 -6.86 18.25
N SER A 61 -1.68 -8.07 18.62
CA SER A 61 -1.06 -8.29 19.92
C SER A 61 0.30 -8.99 19.78
N LYS A 62 0.85 -8.99 18.57
CA LYS A 62 2.12 -9.63 18.32
C LYS A 62 3.28 -8.88 18.95
N THR A 63 4.40 -9.58 19.11
CA THR A 63 5.60 -8.99 19.68
C THR A 63 6.32 -8.32 18.53
N LEU A 64 7.32 -7.50 18.86
CA LEU A 64 8.11 -6.81 17.84
C LEU A 64 9.48 -7.47 17.92
N ALA A 65 9.97 -8.03 16.83
CA ALA A 65 11.27 -8.68 16.87
C ALA A 65 12.25 -7.65 17.38
N GLY A 66 13.11 -8.03 18.32
CA GLY A 66 14.05 -7.06 18.85
C GLY A 66 15.42 -7.68 19.01
N PRO A 67 16.43 -6.88 19.40
CA PRO A 67 17.82 -7.35 19.60
C PRO A 67 18.09 -8.49 20.59
N LYS A 68 17.31 -8.63 21.65
CA LYS A 68 17.58 -9.75 22.55
C LYS A 68 16.54 -10.84 22.36
N GLY A 69 15.51 -10.57 21.58
CA GLY A 69 14.45 -11.53 21.35
C GLY A 69 13.23 -10.69 21.10
N PRO A 70 12.03 -11.25 20.99
CA PRO A 70 10.85 -10.43 20.73
C PRO A 70 10.47 -9.54 21.89
N ILE A 71 9.99 -8.34 21.61
CA ILE A 71 9.57 -7.39 22.63
C ILE A 71 8.06 -7.55 22.83
N THR A 72 7.57 -7.56 24.07
CA THR A 72 6.13 -7.70 24.32
C THR A 72 5.42 -6.33 24.42
N GLN A 73 4.17 -6.26 23.99
CA GLN A 73 3.46 -5.00 24.04
C GLN A 73 3.43 -4.36 25.39
N MET A 74 3.79 -3.08 25.40
CA MET A 74 3.79 -2.28 26.60
C MET A 74 2.37 -1.78 26.80
N TYR A 75 1.67 -1.53 25.70
CA TYR A 75 0.29 -1.01 25.74
C TYR A 75 -0.62 -1.78 24.76
N THR A 76 -1.94 -1.59 24.86
CA THR A 76 -2.90 -2.24 23.93
C THR A 76 -4.34 -1.72 24.00
N ASN A 77 -4.60 -0.51 23.50
CA ASN A 77 -5.95 0.07 23.53
C ASN A 77 -6.83 -0.38 22.37
N VAL A 78 -7.22 -1.65 22.38
CA VAL A 78 -8.05 -2.19 21.33
C VAL A 78 -9.18 -1.26 20.90
N ASP A 79 -9.84 -0.60 21.83
CA ASP A 79 -10.96 0.28 21.47
C ASP A 79 -10.51 1.56 20.83
N GLN A 80 -9.28 1.92 21.10
CA GLN A 80 -8.69 3.11 20.53
C GLN A 80 -7.86 2.80 19.26
N ASP A 81 -7.67 1.50 19.01
CA ASP A 81 -6.90 1.00 17.87
C ASP A 81 -5.42 1.36 18.01
N LEU A 82 -4.96 1.48 19.25
CA LEU A 82 -3.58 1.82 19.54
C LEU A 82 -2.86 0.64 20.23
N VAL A 83 -1.56 0.54 19.98
CA VAL A 83 -0.68 -0.53 20.47
C VAL A 83 0.74 0.06 20.58
N GLY A 84 1.54 -0.40 21.52
CA GLY A 84 2.87 0.15 21.65
C GLY A 84 3.90 -0.79 22.27
N TRP A 85 5.17 -0.57 21.93
CA TRP A 85 6.27 -1.35 22.48
C TRP A 85 7.33 -0.38 22.98
N GLN A 86 8.05 -0.77 24.02
CA GLN A 86 9.10 0.08 24.56
C GLN A 86 10.11 0.23 23.42
N ALA A 87 10.58 1.45 23.17
CA ALA A 87 11.51 1.65 22.08
C ALA A 87 12.86 0.95 22.21
N PRO A 88 13.15 0.00 21.30
CA PRO A 88 14.45 -0.69 21.37
C PRO A 88 15.60 0.30 21.12
N PRO A 89 16.81 -0.03 21.62
CA PRO A 89 18.02 0.79 21.49
C PRO A 89 18.00 1.87 20.42
N GLY A 90 18.11 3.11 20.89
CA GLY A 90 18.09 4.25 20.01
C GLY A 90 16.66 4.64 19.70
N ALA A 91 16.25 4.40 18.46
CA ALA A 91 14.91 4.74 18.00
C ALA A 91 14.66 6.22 18.29
N ARG A 92 14.98 7.06 17.31
CA ARG A 92 14.80 8.50 17.41
C ARG A 92 13.32 8.69 17.74
N SER A 93 13.01 9.57 18.69
CA SER A 93 11.62 9.80 19.06
C SER A 93 11.10 11.22 18.88
N LEU A 94 10.06 11.36 18.07
CA LEU A 94 9.45 12.66 17.82
C LEU A 94 8.96 13.15 19.17
N THR A 95 9.04 14.46 19.38
CA THR A 95 8.58 15.05 20.64
C THR A 95 7.13 15.46 20.45
N PRO A 96 6.30 15.33 21.51
CA PRO A 96 4.88 15.70 21.44
C PRO A 96 4.68 17.09 20.82
N CYS A 97 3.47 17.39 20.39
CA CYS A 97 3.22 18.64 19.72
C CYS A 97 3.62 19.98 20.28
N THR A 98 2.68 20.70 20.90
CA THR A 98 2.91 22.06 21.36
C THR A 98 2.91 22.96 20.09
N CYS A 99 1.91 23.84 20.01
CA CYS A 99 1.67 24.82 18.92
C CYS A 99 0.22 24.80 18.44
N GLY A 100 -0.46 23.67 18.65
CA GLY A 100 -1.86 23.56 18.23
C GLY A 100 -2.16 24.11 16.85
N SER A 101 -1.28 23.80 15.90
CA SER A 101 -1.40 24.28 14.52
C SER A 101 -2.30 23.40 13.66
N SER A 102 -3.39 23.96 13.15
CA SER A 102 -4.29 23.20 12.32
C SER A 102 -3.55 22.68 11.09
N ASP A 103 -2.35 23.20 10.87
CA ASP A 103 -1.52 22.83 9.75
C ASP A 103 -0.73 21.55 9.99
N LEU A 104 -1.43 20.43 9.85
CA LEU A 104 -0.83 19.10 10.08
C LEU A 104 -0.11 18.56 8.83
N TYR A 105 0.64 17.49 9.06
CA TYR A 105 1.45 16.84 8.00
C TYR A 105 1.44 15.32 8.12
N LEU A 106 0.86 14.69 7.12
CA LEU A 106 0.78 13.23 7.05
C LEU A 106 1.94 12.72 6.18
N VAL A 107 2.88 11.99 6.80
CA VAL A 107 4.02 11.43 6.03
C VAL A 107 3.74 9.94 5.75
N THR A 108 3.25 9.74 4.55
CA THR A 108 2.84 8.44 3.99
C THR A 108 3.99 7.40 3.96
N ARG A 109 3.61 6.15 3.75
CA ARG A 109 4.55 5.02 3.78
C ARG A 109 5.58 5.02 2.65
N HIS A 110 5.43 5.91 1.70
CA HIS A 110 6.36 6.00 0.57
C HIS A 110 7.13 7.31 0.62
N ALA A 111 7.23 7.83 1.81
CA ALA A 111 7.95 9.08 2.10
C ALA A 111 7.25 10.31 1.59
N ASP A 112 6.02 10.16 1.13
CA ASP A 112 5.28 11.31 0.63
C ASP A 112 4.70 12.10 1.79
N VAL A 113 4.89 13.41 1.77
CA VAL A 113 4.35 14.27 2.81
C VAL A 113 3.16 15.02 2.25
N ILE A 114 2.03 14.93 2.93
CA ILE A 114 0.83 15.60 2.46
C ILE A 114 0.18 16.41 3.58
N PRO A 115 0.02 17.71 3.33
CA PRO A 115 -0.57 18.66 4.28
C PRO A 115 -2.03 18.35 4.60
N VAL A 116 -2.35 18.41 5.90
CA VAL A 116 -3.67 18.11 6.46
C VAL A 116 -4.13 19.25 7.38
N ARG A 117 -5.38 19.69 7.26
CA ARG A 117 -5.92 20.75 8.08
C ARG A 117 -6.75 20.19 9.24
N ARG A 118 -6.24 20.28 10.45
CA ARG A 118 -6.93 19.76 11.62
C ARG A 118 -8.38 20.25 11.72
N ARG A 119 -9.32 19.34 11.50
CA ARG A 119 -10.74 19.67 11.60
C ARG A 119 -11.23 19.41 13.03
N GLY A 120 -10.28 19.44 13.98
CA GLY A 120 -10.66 19.22 15.36
C GLY A 120 -9.76 18.38 16.26
N ASP A 121 -10.40 17.68 17.19
CA ASP A 121 -9.69 16.86 18.14
C ASP A 121 -9.09 15.60 17.51
N SER A 122 -9.84 14.93 16.64
CA SER A 122 -9.30 13.70 16.06
C SER A 122 -9.48 13.47 14.54
N ARG A 123 -9.54 14.55 13.76
CA ARG A 123 -9.68 14.43 12.32
C ARG A 123 -8.83 15.51 11.69
N GLY A 124 -8.63 15.40 10.39
CA GLY A 124 -7.86 16.38 9.67
C GLY A 124 -8.20 16.23 8.20
N SER A 125 -8.76 17.28 7.63
CA SER A 125 -9.11 17.24 6.23
C SER A 125 -7.90 17.38 5.33
N LEU A 126 -7.99 16.70 4.18
CA LEU A 126 -6.96 16.76 3.17
C LEU A 126 -7.39 17.92 2.26
N LEU A 127 -6.50 18.89 2.09
CA LEU A 127 -6.77 20.03 1.22
C LEU A 127 -6.91 19.55 -0.25
N SER A 128 -6.14 18.53 -0.58
CA SER A 128 -6.12 17.93 -1.92
C SER A 128 -6.57 16.47 -1.79
N PRO A 129 -7.89 16.25 -1.80
CA PRO A 129 -8.58 14.96 -1.69
C PRO A 129 -8.16 13.84 -2.62
N ARG A 130 -7.16 13.08 -2.20
CA ARG A 130 -6.61 11.93 -2.94
C ARG A 130 -7.56 10.75 -2.85
N PRO A 131 -7.37 9.72 -3.70
CA PRO A 131 -8.24 8.54 -3.65
C PRO A 131 -7.86 7.74 -2.41
N VAL A 132 -8.81 7.02 -1.85
CA VAL A 132 -8.57 6.27 -0.62
C VAL A 132 -7.41 5.26 -0.60
N SER A 133 -7.16 4.61 -1.74
CA SER A 133 -6.10 3.59 -1.87
C SER A 133 -4.69 4.13 -1.73
N TYR A 134 -4.52 5.41 -1.99
CA TYR A 134 -3.22 6.02 -1.89
C TYR A 134 -2.71 5.72 -0.49
N LEU A 135 -3.62 5.84 0.48
CA LEU A 135 -3.32 5.63 1.90
C LEU A 135 -3.01 4.23 2.39
N LYS A 136 -3.34 3.21 1.60
CA LYS A 136 -3.09 1.84 2.01
C LYS A 136 -1.65 1.63 2.47
N GLY A 137 -1.51 0.96 3.59
CA GLY A 137 -0.21 0.63 4.14
C GLY A 137 0.47 1.77 4.83
N SER A 138 -0.26 2.84 5.06
CA SER A 138 0.32 4.00 5.72
C SER A 138 -0.26 4.30 7.11
N SER A 139 -1.24 3.51 7.55
CA SER A 139 -1.85 3.71 8.87
C SER A 139 -0.81 3.43 9.94
N GLY A 140 -0.73 4.30 10.94
CA GLY A 140 0.25 4.15 11.98
C GLY A 140 1.25 5.29 11.82
N GLY A 141 1.31 5.84 10.61
CA GLY A 141 2.22 6.93 10.31
C GLY A 141 1.96 8.17 11.13
N PRO A 142 2.94 9.07 11.26
CA PRO A 142 2.77 10.29 12.04
C PRO A 142 2.04 11.45 11.36
N LEU A 143 1.61 12.39 12.19
CA LEU A 143 0.94 13.59 11.74
C LEU A 143 1.62 14.73 12.46
N LEU A 144 2.49 15.43 11.75
CA LEU A 144 3.23 16.53 12.34
C LEU A 144 2.60 17.89 12.10
N CYS A 145 3.27 18.92 12.64
CA CYS A 145 2.88 20.32 12.52
C CYS A 145 4.21 21.03 12.19
N PRO A 146 4.17 22.03 11.28
CA PRO A 146 5.35 22.79 10.85
C PRO A 146 6.27 23.12 12.02
N SER A 147 7.25 22.24 12.23
CA SER A 147 8.24 22.32 13.30
C SER A 147 8.76 20.91 13.47
N GLY A 148 7.94 19.95 13.02
CA GLY A 148 8.31 18.56 13.11
C GLY A 148 7.93 17.87 14.41
N HIS A 149 6.75 18.18 14.94
CA HIS A 149 6.29 17.58 16.18
C HIS A 149 5.15 16.59 15.97
N ALA A 150 5.12 15.51 16.74
CA ALA A 150 4.07 14.52 16.57
C ALA A 150 2.78 14.98 17.15
N VAL A 151 1.70 14.96 16.37
CA VAL A 151 0.39 15.36 16.87
C VAL A 151 -0.65 14.20 16.81
N GLY A 152 -0.20 13.04 16.32
CA GLY A 152 -1.09 11.88 16.20
C GLY A 152 -0.50 10.68 15.47
N ILE A 153 -1.34 9.68 15.22
CA ILE A 153 -0.97 8.44 14.51
C ILE A 153 -2.13 8.20 13.52
N PHE A 154 -1.82 8.02 12.24
CA PHE A 154 -2.86 7.80 11.23
C PHE A 154 -3.56 6.46 11.48
N ARG A 155 -4.85 6.56 11.75
CA ARG A 155 -5.68 5.40 12.08
C ARG A 155 -6.42 4.94 10.83
N ALA A 156 -7.15 5.86 10.18
CA ALA A 156 -7.91 5.51 8.97
C ALA A 156 -8.33 6.73 8.16
N ALA A 157 -8.51 6.55 6.87
CA ALA A 157 -8.94 7.67 6.05
C ALA A 157 -10.46 7.73 6.05
N VAL A 158 -11.05 8.91 6.28
CA VAL A 158 -12.51 9.03 6.26
C VAL A 158 -12.89 9.18 4.80
N CYS A 159 -13.23 8.04 4.21
CA CYS A 159 -13.57 7.95 2.81
C CYS A 159 -15.03 8.27 2.48
N THR A 160 -15.27 8.54 1.20
CA THR A 160 -16.59 8.84 0.64
C THR A 160 -16.46 8.56 -0.86
N ARG A 161 -17.26 7.63 -1.36
CA ARG A 161 -17.21 7.26 -2.77
C ARG A 161 -15.76 7.01 -3.18
N GLY A 162 -15.06 6.19 -2.40
CA GLY A 162 -13.68 5.88 -2.69
C GLY A 162 -12.65 7.03 -2.60
N VAL A 163 -13.08 8.23 -2.24
CA VAL A 163 -12.15 9.36 -2.13
C VAL A 163 -11.79 9.67 -0.69
N ALA A 164 -10.51 9.77 -0.38
CA ALA A 164 -10.10 10.07 0.98
C ALA A 164 -10.18 11.57 1.17
N LYS A 165 -11.35 12.07 1.54
CA LYS A 165 -11.52 13.49 1.79
C LYS A 165 -10.76 13.92 3.03
N ALA A 166 -10.79 13.10 4.08
CA ALA A 166 -10.05 13.41 5.30
C ALA A 166 -9.52 12.14 6.00
N VAL A 167 -8.90 12.30 7.17
CA VAL A 167 -8.36 11.17 7.94
C VAL A 167 -8.70 11.23 9.44
N ASP A 168 -8.46 10.12 10.14
CA ASP A 168 -8.71 10.00 11.58
C ASP A 168 -7.41 9.64 12.27
N PHE A 169 -7.00 10.40 13.26
CA PHE A 169 -5.79 10.06 13.99
C PHE A 169 -6.02 9.98 15.48
N VAL A 170 -5.18 9.22 16.16
CA VAL A 170 -5.29 9.10 17.60
C VAL A 170 -4.52 10.34 18.01
N PRO A 171 -5.09 11.16 18.91
CA PRO A 171 -4.41 12.37 19.36
C PRO A 171 -3.22 11.96 20.20
N VAL A 172 -2.13 12.73 20.18
CA VAL A 172 -0.97 12.37 20.99
C VAL A 172 -1.35 12.50 22.48
N GLU A 173 -2.35 13.33 22.76
CA GLU A 173 -2.82 13.50 24.13
C GLU A 173 -3.36 12.17 24.67
N SER A 174 -3.97 11.37 23.77
CA SER A 174 -4.54 10.06 24.12
C SER A 174 -3.45 9.01 24.32
N MET A 175 -2.33 9.17 23.64
CA MET A 175 -1.23 8.24 23.82
C MET A 175 -0.72 8.54 25.22
N GLU A 176 -0.59 9.84 25.51
CA GLU A 176 -0.13 10.36 26.80
C GLU A 176 -1.00 9.90 27.97
N THR A 177 -2.32 9.98 27.78
CA THR A 177 -3.26 9.51 28.79
C THR A 177 -2.92 8.05 29.10
N THR A 178 -2.67 7.26 28.05
CA THR A 178 -2.33 5.84 28.19
C THR A 178 -1.06 5.71 28.99
N MET A 179 -0.03 6.41 28.57
CA MET A 179 1.24 6.38 29.29
C MET A 179 1.10 6.85 30.73
N ARG A 180 -0.01 7.50 31.08
CA ARG A 180 -0.19 7.93 32.47
C ARG A 180 -0.49 6.67 33.28
N ILE B 3 -16.16 -13.88 -20.90
CA ILE B 3 -14.71 -13.58 -20.70
C ILE B 3 -14.26 -14.54 -19.62
N THR B 4 -13.04 -15.03 -19.72
CA THR B 4 -12.57 -15.97 -18.72
C THR B 4 -11.09 -15.81 -18.48
N ALA B 5 -10.63 -16.35 -17.36
CA ALA B 5 -9.23 -16.27 -17.01
C ALA B 5 -8.80 -17.45 -16.14
N TYR B 6 -7.50 -17.76 -16.24
CA TYR B 6 -6.88 -18.84 -15.50
C TYR B 6 -5.50 -18.36 -15.04
N SER B 7 -5.29 -18.35 -13.73
CA SER B 7 -4.03 -17.90 -13.16
C SER B 7 -2.96 -18.91 -13.43
N GLN B 8 -1.73 -18.43 -13.58
CA GLN B 8 -0.59 -19.29 -13.83
C GLN B 8 0.60 -18.79 -13.01
N GLN B 9 1.10 -19.62 -12.11
CA GLN B 9 2.25 -19.21 -11.30
C GLN B 9 3.51 -19.49 -12.10
N THR B 10 4.50 -18.62 -11.99
CA THR B 10 5.72 -18.81 -12.73
C THR B 10 6.93 -18.73 -11.82
N ARG B 11 6.72 -18.28 -10.59
CA ARG B 11 7.81 -18.15 -9.63
C ARG B 11 7.41 -18.60 -8.24
N GLY B 12 8.39 -18.62 -7.35
CA GLY B 12 8.17 -19.01 -5.97
C GLY B 12 9.05 -18.07 -5.15
N LEU B 13 9.27 -18.44 -3.87
CA LEU B 13 10.09 -17.62 -2.98
C LEU B 13 11.48 -17.36 -3.52
N LEU B 14 12.28 -18.41 -3.76
CA LEU B 14 13.66 -18.20 -4.28
C LEU B 14 13.62 -17.28 -5.49
N GLY B 15 12.81 -17.65 -6.48
CA GLY B 15 12.66 -16.80 -7.65
C GLY B 15 12.40 -15.35 -7.22
N CYS B 16 11.31 -15.01 -6.51
CA CYS B 16 11.15 -13.59 -6.14
C CYS B 16 12.37 -13.06 -5.41
N ILE B 17 12.82 -13.72 -4.34
CA ILE B 17 13.95 -13.16 -3.58
C ILE B 17 15.21 -12.83 -4.37
N ILE B 18 15.66 -13.75 -5.21
CA ILE B 18 16.84 -13.52 -6.03
C ILE B 18 16.52 -12.53 -7.14
N THR B 19 15.44 -12.78 -7.89
CA THR B 19 15.07 -11.87 -8.97
C THR B 19 14.90 -10.44 -8.49
N SER B 20 14.43 -10.26 -7.27
CA SER B 20 14.21 -8.93 -6.71
C SER B 20 15.51 -8.25 -6.25
N LEU B 21 16.55 -9.07 -6.05
CA LEU B 21 17.86 -8.59 -5.62
C LEU B 21 18.64 -8.16 -6.87
N THR B 22 18.77 -9.07 -7.83
CA THR B 22 19.48 -8.83 -9.07
C THR B 22 18.72 -7.83 -9.93
N GLY B 23 17.40 -7.85 -9.83
CA GLY B 23 16.61 -6.92 -10.60
C GLY B 23 16.53 -7.34 -12.04
N ARG B 24 17.01 -8.53 -12.34
CA ARG B 24 16.96 -8.99 -13.72
C ARG B 24 16.20 -10.30 -13.88
N ASP B 25 15.03 -10.21 -14.51
CA ASP B 25 14.15 -11.35 -14.71
C ASP B 25 14.31 -11.93 -16.10
N LYS B 26 14.94 -13.10 -16.13
CA LYS B 26 15.17 -13.80 -17.36
C LYS B 26 13.88 -14.43 -17.94
N ASN B 27 12.91 -14.80 -17.09
CA ASN B 27 11.67 -15.41 -17.56
C ASN B 27 11.04 -14.53 -18.65
N GLN B 28 9.97 -14.97 -19.29
CA GLN B 28 9.36 -14.12 -20.30
C GLN B 28 7.92 -13.72 -20.00
N VAL B 29 7.59 -12.44 -20.21
CA VAL B 29 6.25 -11.95 -19.97
C VAL B 29 5.27 -12.64 -20.93
N GLU B 30 4.02 -12.81 -20.49
CA GLU B 30 2.99 -13.45 -21.29
C GLU B 30 1.62 -13.24 -20.61
N GLY B 31 0.63 -12.88 -21.40
CA GLY B 31 -0.68 -12.62 -20.84
C GLY B 31 -0.85 -11.11 -20.74
N GLU B 32 -2.09 -10.68 -20.52
CA GLU B 32 -2.44 -9.27 -20.42
C GLU B 32 -2.15 -8.72 -19.04
N VAL B 33 -2.54 -9.49 -18.02
CA VAL B 33 -2.34 -9.11 -16.62
C VAL B 33 -1.37 -10.06 -15.90
N GLN B 34 -0.28 -9.49 -15.41
CA GLN B 34 0.75 -10.24 -14.68
C GLN B 34 0.49 -10.02 -13.20
N VAL B 35 0.91 -10.97 -12.37
CA VAL B 35 0.73 -10.81 -10.93
C VAL B 35 2.11 -10.55 -10.36
N VAL B 36 2.32 -9.31 -9.91
CA VAL B 36 3.59 -8.85 -9.37
C VAL B 36 3.68 -8.95 -7.84
N SER B 37 4.87 -8.74 -7.31
CA SER B 37 5.08 -8.81 -5.88
C SER B 37 6.36 -8.17 -5.40
N THR B 38 6.27 -7.56 -4.24
CA THR B 38 7.40 -6.92 -3.56
C THR B 38 7.57 -7.72 -2.26
N ALA B 39 8.40 -7.24 -1.34
CA ALA B 39 8.62 -7.95 -0.08
C ALA B 39 7.38 -8.01 0.81
N THR B 40 6.75 -6.86 1.03
CA THR B 40 5.58 -6.79 1.87
C THR B 40 4.26 -7.07 1.17
N GLN B 41 4.11 -6.65 -0.08
CA GLN B 41 2.83 -6.92 -0.74
C GLN B 41 2.84 -7.53 -2.15
N SER B 42 1.70 -8.11 -2.52
CA SER B 42 1.51 -8.71 -3.83
C SER B 42 0.26 -8.03 -4.36
N PHE B 43 0.25 -7.80 -5.67
CA PHE B 43 -0.83 -7.15 -6.37
C PHE B 43 -0.77 -7.51 -7.84
N LEU B 44 -1.48 -6.76 -8.66
CA LEU B 44 -1.49 -7.06 -10.07
C LEU B 44 -0.98 -5.91 -10.89
N ALA B 45 -0.73 -6.19 -12.16
CA ALA B 45 -0.28 -5.19 -13.11
C ALA B 45 -0.93 -5.61 -14.42
N THR B 46 -1.46 -4.64 -15.17
CA THR B 46 -2.09 -4.95 -16.44
C THR B 46 -1.51 -4.09 -17.57
N CYS B 47 -1.25 -4.69 -18.72
CA CYS B 47 -0.70 -3.96 -19.87
C CYS B 47 -1.85 -3.43 -20.72
N VAL B 48 -1.77 -2.15 -21.04
CA VAL B 48 -2.77 -1.52 -21.86
C VAL B 48 -1.97 -0.54 -22.64
N ASN B 49 -1.98 -0.69 -23.97
CA ASN B 49 -1.21 0.18 -24.85
C ASN B 49 0.29 0.02 -24.60
N GLY B 50 0.74 -1.22 -24.55
CA GLY B 50 2.15 -1.50 -24.38
C GLY B 50 2.87 -0.90 -23.19
N VAL B 51 2.18 -0.69 -22.08
CA VAL B 51 2.77 -0.16 -20.84
C VAL B 51 2.17 -0.91 -19.61
N CYS B 52 3.07 -1.39 -18.74
CA CYS B 52 2.68 -2.10 -17.51
C CYS B 52 2.17 -1.08 -16.49
N TRP B 53 0.84 -0.97 -16.36
CA TRP B 53 0.25 -0.03 -15.42
C TRP B 53 -0.03 -0.75 -14.10
N THR B 54 0.13 -0.04 -12.99
CA THR B 54 -0.07 -0.58 -11.64
C THR B 54 -0.39 0.58 -10.66
N VAL B 55 -0.72 0.24 -9.41
CA VAL B 55 -1.06 1.25 -8.40
C VAL B 55 0.12 1.70 -7.55
N TYR B 56 0.20 3.00 -7.32
CA TYR B 56 1.32 3.57 -6.59
C TYR B 56 1.51 3.07 -5.17
N HIS B 57 0.41 2.78 -4.50
CA HIS B 57 0.50 2.30 -3.13
C HIS B 57 1.26 0.97 -3.06
N GLY B 58 1.05 0.10 -4.05
CA GLY B 58 1.71 -1.18 -4.06
C GLY B 58 3.13 -1.16 -4.58
N ALA B 59 3.38 -0.40 -5.65
CA ALA B 59 4.73 -0.36 -6.22
C ALA B 59 5.55 0.78 -5.72
N GLY B 60 4.95 1.90 -5.42
CA GLY B 60 5.73 3.04 -5.00
C GLY B 60 6.52 3.61 -6.17
N SER B 61 7.84 3.54 -6.11
CA SER B 61 8.64 4.05 -7.20
C SER B 61 9.74 3.05 -7.49
N LYS B 62 9.44 1.79 -7.24
CA LYS B 62 10.38 0.70 -7.47
C LYS B 62 10.48 0.45 -8.97
N THR B 63 11.52 -0.27 -9.38
CA THR B 63 11.71 -0.62 -10.78
C THR B 63 11.17 -2.02 -10.92
N LEU B 64 10.93 -2.47 -12.15
CA LEU B 64 10.41 -3.82 -12.41
C LEU B 64 11.63 -4.66 -12.77
N ALA B 65 11.67 -5.92 -12.39
CA ALA B 65 12.82 -6.76 -12.76
C ALA B 65 12.62 -7.10 -14.21
N GLY B 66 13.61 -6.80 -15.05
CA GLY B 66 13.45 -7.08 -16.46
C GLY B 66 14.54 -7.90 -17.13
N PRO B 67 14.30 -8.35 -18.37
CA PRO B 67 15.20 -9.16 -19.21
C PRO B 67 16.57 -8.54 -19.35
N LYS B 68 16.66 -7.22 -19.28
CA LYS B 68 17.97 -6.57 -19.38
C LYS B 68 18.27 -5.79 -18.10
N GLY B 69 17.60 -6.16 -17.01
CA GLY B 69 17.79 -5.48 -15.75
C GLY B 69 16.52 -4.77 -15.29
N PRO B 70 16.65 -3.91 -14.29
CA PRO B 70 15.50 -3.19 -13.76
C PRO B 70 14.98 -2.04 -14.58
N ILE B 71 13.72 -2.17 -15.02
CA ILE B 71 13.02 -1.15 -15.80
C ILE B 71 12.54 -0.02 -14.87
N THR B 72 12.93 1.21 -15.16
CA THR B 72 12.53 2.38 -14.38
C THR B 72 11.08 2.73 -14.75
N GLN B 73 10.33 3.38 -13.85
CA GLN B 73 8.94 3.69 -14.16
C GLN B 73 8.87 4.77 -15.20
N MET B 74 8.16 4.51 -16.28
CA MET B 74 8.05 5.51 -17.32
C MET B 74 7.04 6.56 -16.89
N TYR B 75 5.90 6.11 -16.40
CA TYR B 75 4.86 7.05 -15.99
C TYR B 75 4.65 6.96 -14.50
N THR B 76 4.29 8.09 -13.89
CA THR B 76 4.06 8.13 -12.44
C THR B 76 3.04 9.21 -12.13
N ASN B 77 1.77 8.83 -11.94
CA ASN B 77 0.73 9.80 -11.63
C ASN B 77 0.20 9.56 -10.20
N VAL B 78 1.05 9.89 -9.24
CA VAL B 78 0.79 9.75 -7.80
C VAL B 78 -0.58 10.13 -7.28
N ASP B 79 -1.09 11.29 -7.71
CA ASP B 79 -2.41 11.74 -7.28
C ASP B 79 -3.57 10.81 -7.71
N GLN B 80 -3.34 9.98 -8.71
CA GLN B 80 -4.37 9.06 -9.14
C GLN B 80 -3.97 7.61 -8.78
N ASP B 81 -2.95 7.49 -7.93
CA ASP B 81 -2.40 6.21 -7.46
C ASP B 81 -2.05 5.33 -8.65
N LEU B 82 -1.32 5.90 -9.60
CA LEU B 82 -0.94 5.17 -10.80
C LEU B 82 0.57 5.24 -11.06
N VAL B 83 1.11 4.16 -11.59
CA VAL B 83 2.54 4.05 -11.88
C VAL B 83 2.66 3.04 -13.01
N GLY B 84 3.30 3.42 -14.12
CA GLY B 84 3.44 2.51 -15.25
C GLY B 84 4.86 2.35 -15.78
N TRP B 85 5.22 1.12 -16.12
CA TRP B 85 6.54 0.76 -16.64
C TRP B 85 6.41 0.43 -18.15
N GLN B 86 7.47 0.64 -18.92
CA GLN B 86 7.41 0.32 -20.34
C GLN B 86 7.29 -1.20 -20.45
N ALA B 87 6.25 -1.68 -21.10
CA ALA B 87 6.00 -3.13 -21.23
C ALA B 87 7.12 -3.98 -21.79
N PRO B 88 7.50 -5.04 -21.07
CA PRO B 88 8.56 -5.96 -21.48
C PRO B 88 7.99 -6.93 -22.51
N PRO B 89 8.85 -7.50 -23.38
CA PRO B 89 8.59 -8.44 -24.47
C PRO B 89 7.84 -9.70 -24.09
N GLY B 90 6.85 -10.05 -24.90
CA GLY B 90 6.04 -11.22 -24.66
C GLY B 90 4.69 -10.85 -24.09
N ALA B 91 4.53 -9.57 -23.77
CA ALA B 91 3.30 -9.06 -23.19
C ALA B 91 2.22 -8.80 -24.21
N ARG B 92 1.09 -9.48 -24.05
CA ARG B 92 -0.04 -9.29 -24.93
C ARG B 92 -0.85 -8.14 -24.32
N SER B 93 -0.53 -6.92 -24.73
CA SER B 93 -1.20 -5.71 -24.26
C SER B 93 -2.69 -5.64 -24.64
N LEU B 94 -3.48 -5.03 -23.77
CA LEU B 94 -4.91 -4.84 -24.03
C LEU B 94 -5.01 -3.50 -24.77
N THR B 95 -6.19 -3.23 -25.32
CA THR B 95 -6.48 -1.99 -26.06
C THR B 95 -7.58 -1.29 -25.28
N PRO B 96 -7.50 0.03 -25.11
CA PRO B 96 -8.50 0.81 -24.35
C PRO B 96 -9.97 0.66 -24.81
N CYS B 97 -10.89 1.36 -24.17
CA CYS B 97 -12.29 1.23 -24.58
C CYS B 97 -13.23 2.35 -24.15
N THR B 98 -13.83 2.18 -22.97
CA THR B 98 -14.78 3.16 -22.41
C THR B 98 -15.79 3.61 -23.47
N CYS B 99 -16.61 2.66 -23.92
CA CYS B 99 -17.61 2.95 -24.94
C CYS B 99 -19.04 2.87 -24.41
N GLY B 100 -19.35 3.86 -23.55
CA GLY B 100 -20.67 4.02 -22.95
C GLY B 100 -21.23 2.87 -22.14
N SER B 101 -20.67 1.67 -22.34
CA SER B 101 -21.13 0.51 -21.62
C SER B 101 -21.05 0.75 -20.12
N SER B 102 -21.97 0.10 -19.42
CA SER B 102 -22.01 0.19 -17.98
C SER B 102 -21.84 -1.22 -17.47
N ASP B 103 -21.54 -2.15 -18.36
CA ASP B 103 -21.35 -3.52 -17.95
C ASP B 103 -19.89 -3.84 -17.95
N LEU B 104 -19.31 -3.88 -16.76
CA LEU B 104 -17.89 -4.19 -16.61
C LEU B 104 -17.66 -5.56 -15.97
N TYR B 105 -16.42 -6.02 -16.00
CA TYR B 105 -16.07 -7.30 -15.40
C TYR B 105 -14.71 -7.16 -14.72
N LEU B 106 -14.68 -7.18 -13.39
CA LEU B 106 -13.43 -7.08 -12.62
C LEU B 106 -12.80 -8.47 -12.62
N VAL B 107 -11.51 -8.55 -12.91
CA VAL B 107 -10.80 -9.82 -12.90
C VAL B 107 -9.85 -9.72 -11.71
N THR B 108 -9.97 -10.69 -10.81
CA THR B 108 -9.16 -10.69 -9.58
C THR B 108 -7.87 -11.51 -9.75
N ARG B 109 -7.00 -11.46 -8.73
CA ARG B 109 -5.71 -12.17 -8.74
C ARG B 109 -5.71 -13.70 -8.55
N HIS B 110 -6.90 -14.30 -8.51
CA HIS B 110 -7.03 -15.76 -8.38
C HIS B 110 -7.75 -16.18 -9.65
N ALA B 111 -8.16 -15.17 -10.42
CA ALA B 111 -8.87 -15.35 -11.66
C ALA B 111 -10.32 -15.69 -11.41
N ASP B 112 -11.13 -14.64 -11.28
CA ASP B 112 -12.58 -14.71 -11.10
C ASP B 112 -13.01 -13.43 -11.81
N VAL B 113 -13.91 -13.53 -12.79
CA VAL B 113 -14.33 -12.33 -13.48
C VAL B 113 -15.72 -11.97 -12.94
N ILE B 114 -15.78 -10.92 -12.14
CA ILE B 114 -17.02 -10.50 -11.52
C ILE B 114 -17.62 -9.23 -12.11
N PRO B 115 -18.94 -9.22 -12.32
CA PRO B 115 -19.70 -8.10 -12.90
C PRO B 115 -19.73 -6.83 -12.08
N VAL B 116 -19.32 -5.72 -12.66
CA VAL B 116 -19.35 -4.45 -11.97
C VAL B 116 -20.17 -3.53 -12.86
N ARG B 117 -21.27 -3.01 -12.35
CA ARG B 117 -22.05 -2.09 -13.16
C ARG B 117 -21.42 -0.71 -13.00
N ARG B 118 -20.96 -0.14 -14.10
CA ARG B 118 -20.35 1.18 -14.04
C ARG B 118 -21.42 2.06 -13.42
N ARG B 119 -20.99 2.89 -12.47
CA ARG B 119 -21.89 3.80 -11.78
C ARG B 119 -21.29 5.23 -11.80
N GLY B 120 -20.29 5.43 -12.67
CA GLY B 120 -19.64 6.73 -12.79
C GLY B 120 -18.39 6.58 -13.65
N ASP B 121 -17.45 7.51 -13.53
CA ASP B 121 -16.22 7.40 -14.31
C ASP B 121 -15.17 6.52 -13.63
N SER B 122 -15.18 6.56 -12.30
CA SER B 122 -14.27 5.79 -11.46
C SER B 122 -15.08 5.16 -10.34
N ARG B 123 -16.33 4.83 -10.65
CA ARG B 123 -17.27 4.27 -9.70
C ARG B 123 -17.89 3.05 -10.36
N GLY B 124 -18.23 2.01 -9.60
CA GLY B 124 -18.86 0.83 -10.18
C GLY B 124 -19.41 -0.13 -9.13
N SER B 125 -20.72 -0.17 -8.95
CA SER B 125 -21.33 -1.06 -7.96
C SER B 125 -21.18 -2.52 -8.37
N LEU B 126 -21.16 -3.43 -7.40
CA LEU B 126 -21.08 -4.86 -7.73
C LEU B 126 -22.52 -5.40 -7.77
N LEU B 127 -22.68 -6.60 -8.33
CA LEU B 127 -24.01 -7.22 -8.33
C LEU B 127 -23.96 -8.13 -7.11
N SER B 128 -22.92 -8.95 -7.09
CA SER B 128 -22.66 -9.92 -6.04
C SER B 128 -21.67 -9.33 -5.04
N PRO B 129 -22.14 -8.94 -3.84
CA PRO B 129 -21.27 -8.38 -2.80
C PRO B 129 -20.35 -9.47 -2.27
N ARG B 130 -19.12 -9.09 -1.91
CA ARG B 130 -18.14 -10.03 -1.35
C ARG B 130 -17.47 -9.32 -0.18
N PRO B 131 -16.79 -10.06 0.71
CA PRO B 131 -16.15 -9.35 1.82
C PRO B 131 -14.88 -8.63 1.32
N VAL B 132 -14.47 -7.57 2.01
CA VAL B 132 -13.27 -6.82 1.68
C VAL B 132 -12.12 -7.78 1.55
N SER B 133 -12.25 -8.91 2.23
CA SER B 133 -11.24 -9.97 2.20
C SER B 133 -11.12 -10.62 0.81
N TYR B 134 -12.17 -10.57 -0.01
CA TYR B 134 -12.13 -11.19 -1.33
C TYR B 134 -11.40 -10.41 -2.47
N LEU B 135 -11.04 -9.15 -2.23
CA LEU B 135 -10.34 -8.38 -3.25
C LEU B 135 -8.88 -7.98 -2.86
N LYS B 136 -8.35 -8.59 -1.80
CA LYS B 136 -6.99 -8.30 -1.35
C LYS B 136 -6.00 -8.88 -2.34
N GLY B 137 -5.09 -8.02 -2.82
CA GLY B 137 -4.07 -8.45 -3.76
C GLY B 137 -4.53 -8.31 -5.19
N SER B 138 -5.67 -7.67 -5.43
CA SER B 138 -6.19 -7.47 -6.79
C SER B 138 -6.15 -6.01 -7.22
N SER B 139 -5.49 -5.18 -6.42
CA SER B 139 -5.35 -3.79 -6.75
C SER B 139 -4.44 -3.82 -7.97
N GLY B 140 -4.76 -2.99 -8.95
CA GLY B 140 -3.97 -2.93 -10.16
C GLY B 140 -4.56 -3.86 -11.22
N GLY B 141 -5.67 -4.53 -10.91
CA GLY B 141 -6.31 -5.43 -11.85
C GLY B 141 -7.06 -4.60 -12.88
N PRO B 142 -7.49 -5.19 -14.01
CA PRO B 142 -8.22 -4.45 -15.04
C PRO B 142 -9.73 -4.63 -15.01
N LEU B 143 -10.45 -3.62 -15.47
CA LEU B 143 -11.90 -3.70 -15.53
C LEU B 143 -12.24 -3.87 -17.01
N LEU B 144 -12.77 -5.03 -17.36
CA LEU B 144 -13.11 -5.35 -18.74
C LEU B 144 -14.57 -5.24 -19.12
N CYS B 145 -14.83 -4.52 -20.20
CA CYS B 145 -16.19 -4.41 -20.71
C CYS B 145 -16.35 -5.75 -21.43
N PRO B 146 -17.56 -6.06 -21.94
CA PRO B 146 -17.82 -7.32 -22.65
C PRO B 146 -16.93 -7.64 -23.87
N SER B 147 -16.51 -6.60 -24.59
CA SER B 147 -15.68 -6.76 -25.79
C SER B 147 -14.25 -7.27 -25.51
N GLY B 148 -13.82 -7.19 -24.26
CA GLY B 148 -12.47 -7.64 -23.91
C GLY B 148 -11.47 -6.51 -24.00
N HIS B 149 -11.97 -5.28 -23.98
CA HIS B 149 -11.13 -4.10 -24.05
C HIS B 149 -11.14 -3.41 -22.68
N ALA B 150 -9.98 -2.97 -22.23
CA ALA B 150 -9.82 -2.32 -20.92
C ALA B 150 -10.47 -0.94 -20.75
N VAL B 151 -11.24 -0.79 -19.68
CA VAL B 151 -11.90 0.48 -19.37
C VAL B 151 -11.20 1.21 -18.21
N GLY B 152 -10.38 0.47 -17.44
CA GLY B 152 -9.66 1.05 -16.32
C GLY B 152 -8.89 0.08 -15.43
N ILE B 153 -8.16 0.64 -14.46
CA ILE B 153 -7.37 -0.12 -13.47
C ILE B 153 -8.04 0.03 -12.10
N PHE B 154 -8.34 -1.11 -11.47
CA PHE B 154 -8.99 -1.22 -10.17
C PHE B 154 -8.05 -0.70 -9.08
N ARG B 155 -8.54 0.20 -8.25
CA ARG B 155 -7.70 0.74 -7.21
C ARG B 155 -7.94 0.20 -5.80
N ALA B 156 -9.21 -0.03 -5.47
CA ALA B 156 -9.55 -0.53 -4.13
C ALA B 156 -11.04 -0.68 -4.04
N ALA B 157 -11.49 -1.52 -3.11
CA ALA B 157 -12.91 -1.77 -2.90
C ALA B 157 -13.53 -0.61 -2.13
N VAL B 158 -14.77 -0.32 -2.48
CA VAL B 158 -15.55 0.73 -1.84
C VAL B 158 -16.39 -0.12 -0.90
N CYS B 159 -15.98 -0.20 0.37
CA CYS B 159 -16.63 -1.06 1.34
C CYS B 159 -17.32 -0.36 2.51
N THR B 160 -18.43 -0.96 2.96
CA THR B 160 -19.26 -0.47 4.06
C THR B 160 -19.24 -1.41 5.28
N ARG B 161 -18.52 -1.01 6.34
CA ARG B 161 -18.38 -1.78 7.59
C ARG B 161 -18.55 -3.30 7.44
N GLY B 162 -17.62 -3.93 6.73
CA GLY B 162 -17.71 -5.37 6.52
C GLY B 162 -17.55 -5.78 5.09
N VAL B 163 -18.62 -5.64 4.29
CA VAL B 163 -18.56 -6.02 2.90
C VAL B 163 -18.29 -4.92 1.87
N ALA B 164 -17.74 -5.36 0.73
CA ALA B 164 -17.41 -4.50 -0.39
C ALA B 164 -18.67 -4.33 -1.25
N LYS B 165 -19.00 -3.06 -1.52
CA LYS B 165 -20.18 -2.69 -2.31
C LYS B 165 -19.83 -2.17 -3.70
N ALA B 166 -18.84 -1.32 -3.78
CA ALA B 166 -18.46 -0.78 -5.05
C ALA B 166 -16.95 -0.81 -5.22
N VAL B 167 -16.48 -0.34 -6.37
CA VAL B 167 -15.05 -0.27 -6.69
C VAL B 167 -14.72 1.11 -7.20
N ASP B 168 -13.51 1.54 -6.93
CA ASP B 168 -13.03 2.83 -7.39
C ASP B 168 -11.95 2.45 -8.39
N PHE B 169 -11.97 3.03 -9.59
CA PHE B 169 -10.93 2.70 -10.56
C PHE B 169 -10.36 3.92 -11.25
N VAL B 170 -9.11 3.79 -11.71
CA VAL B 170 -8.47 4.87 -12.46
C VAL B 170 -8.94 4.53 -13.84
N PRO B 171 -9.68 5.45 -14.45
CA PRO B 171 -10.20 5.18 -15.79
C PRO B 171 -9.15 5.27 -16.91
N VAL B 172 -9.27 4.35 -17.85
CA VAL B 172 -8.36 4.27 -19.00
C VAL B 172 -8.06 5.65 -19.58
N GLU B 173 -9.10 6.47 -19.77
CA GLU B 173 -8.95 7.83 -20.30
C GLU B 173 -7.86 8.60 -19.54
N SER B 174 -7.90 8.53 -18.22
CA SER B 174 -6.92 9.22 -17.41
C SER B 174 -5.52 8.69 -17.66
N MET B 175 -5.40 7.41 -17.95
CA MET B 175 -4.09 6.81 -18.22
C MET B 175 -3.61 7.38 -19.56
N GLU B 176 -4.55 7.61 -20.48
CA GLU B 176 -4.23 8.14 -21.80
C GLU B 176 -3.71 9.57 -21.67
N THR B 177 -4.36 10.38 -20.86
CA THR B 177 -3.94 11.76 -20.67
C THR B 177 -2.63 11.86 -19.91
N THR B 178 -2.37 10.90 -19.04
CA THR B 178 -1.12 10.93 -18.27
C THR B 178 0.05 10.66 -19.20
N MET B 179 -0.22 9.88 -20.26
CA MET B 179 0.80 9.53 -21.25
C MET B 179 1.18 10.74 -22.10
N ARG B 180 0.42 11.83 -21.94
CA ARG B 180 0.65 13.09 -22.66
C ARG B 180 0.70 14.24 -21.67
N LYS C 1 2.81 -18.45 12.74
CA LYS C 1 2.71 -17.20 13.57
C LYS C 1 4.11 -16.60 13.66
N GLY C 2 4.24 -15.47 14.35
CA GLY C 2 5.54 -14.83 14.48
C GLY C 2 5.43 -13.40 14.98
N SER C 3 6.53 -12.67 14.92
CA SER C 3 6.55 -11.31 15.41
C SER C 3 6.46 -10.26 14.31
N VAL C 4 6.25 -9.00 14.69
CA VAL C 4 6.19 -7.88 13.74
C VAL C 4 7.65 -7.41 13.54
N VAL C 5 8.12 -7.43 12.29
CA VAL C 5 9.49 -7.03 11.95
C VAL C 5 9.58 -5.64 11.28
N ILE C 6 10.59 -4.87 11.68
CA ILE C 6 10.81 -3.56 11.08
C ILE C 6 11.45 -3.89 9.73
N VAL C 7 10.80 -3.43 8.68
CA VAL C 7 11.22 -3.78 7.35
C VAL C 7 11.99 -2.68 6.58
N GLY C 8 11.91 -1.46 7.09
CA GLY C 8 12.58 -0.34 6.44
C GLY C 8 12.33 0.87 7.31
N ARG C 9 12.71 2.06 6.84
CA ARG C 9 12.50 3.29 7.61
C ARG C 9 12.14 4.48 6.76
N ILE C 10 11.75 5.55 7.42
CA ILE C 10 11.42 6.79 6.76
C ILE C 10 12.08 7.87 7.60
N ILE C 11 13.15 8.46 7.04
CA ILE C 11 13.90 9.53 7.69
C ILE C 11 13.20 10.85 7.42
N LEU C 12 12.88 11.59 8.47
CA LEU C 12 12.21 12.86 8.33
C LEU C 12 13.25 13.97 8.21
N SER C 13 12.85 15.10 7.64
CA SER C 13 13.74 16.24 7.42
C SER C 13 12.91 17.52 7.29
N LYS D 1 17.68 -0.54 -5.08
CA LYS D 1 16.65 -1.01 -4.13
C LYS D 1 16.08 -2.29 -4.69
N GLY D 2 15.23 -2.96 -3.91
CA GLY D 2 14.62 -4.21 -4.37
C GLY D 2 13.62 -3.90 -5.46
N SER D 3 13.45 -4.83 -6.39
CA SER D 3 12.54 -4.58 -7.52
C SER D 3 11.21 -5.32 -7.42
N VAL D 4 10.18 -4.81 -8.11
CA VAL D 4 8.91 -5.48 -8.17
C VAL D 4 9.28 -6.72 -8.98
N VAL D 5 8.46 -7.76 -9.01
CA VAL D 5 8.84 -8.99 -9.70
C VAL D 5 7.62 -9.79 -10.16
N ILE D 6 7.47 -10.00 -11.47
CA ILE D 6 6.33 -10.76 -11.98
C ILE D 6 6.46 -12.19 -11.44
N VAL D 7 5.40 -12.63 -10.78
CA VAL D 7 5.36 -13.91 -10.14
C VAL D 7 4.46 -14.94 -10.79
N GLY D 8 3.67 -14.48 -11.76
CA GLY D 8 2.77 -15.38 -12.47
C GLY D 8 1.92 -14.51 -13.34
N ARG D 9 0.97 -15.09 -14.03
CA ARG D 9 0.14 -14.32 -14.92
C ARG D 9 -1.28 -14.85 -14.93
N ILE D 10 -2.17 -13.96 -15.34
CA ILE D 10 -3.59 -14.22 -15.49
C ILE D 10 -3.87 -14.10 -16.99
N ILE D 11 -4.17 -15.23 -17.62
CA ILE D 11 -4.40 -15.26 -19.06
C ILE D 11 -5.87 -15.20 -19.44
N LEU D 12 -6.27 -14.06 -20.01
CA LEU D 12 -7.65 -13.85 -20.43
C LEU D 12 -8.06 -14.76 -21.59
N SER D 13 -9.36 -15.05 -21.66
CA SER D 13 -9.87 -15.95 -22.70
C SER D 13 -11.39 -15.89 -22.78
ZN ZN E . 4.03 21.78 17.69
ZN ZN F . -15.55 -1.83 -25.06
#